data_2OSA
#
_entry.id   2OSA
#
_cell.length_a   92.490
_cell.length_b   92.490
_cell.length_c   47.095
_cell.angle_alpha   90.00
_cell.angle_beta   90.00
_cell.angle_gamma   120.00
#
_symmetry.space_group_name_H-M   'P 61'
#
loop_
_entity.id
_entity.type
_entity.pdbx_description
1 polymer N-chimaerin
2 water water
#
_entity_poly.entity_id   1
_entity_poly.type   'polypeptide(L)'
_entity_poly.pdbx_seq_one_letter_code
;GSKHVKKVYSCDLTTLVKAHTTKRPMVVDMCIREIESRGLNSEGLYRVSGFSDLIEDVKMAFDRDGEKADISVNMYEDIN
IITGALKLYFRDLPIPLITYDAYPKFIESAKIMDPDEQLETLHEALKLLPPAHCETLRYLMAHLKRVTLHEKENLMNAEN
LGIVFGPTLMRSPELDAMAALNDIRYQRLVVELLIKNEDILF
;
_entity_poly.pdbx_strand_id   A
#
# COMPACT_ATOMS: atom_id res chain seq x y z
N LYS A 7 14.06 8.70 -10.69
CA LYS A 7 13.00 9.61 -11.22
C LYS A 7 11.69 9.33 -10.51
N VAL A 8 11.14 8.13 -10.72
CA VAL A 8 9.83 7.79 -10.15
C VAL A 8 9.96 7.00 -8.84
N TYR A 9 10.43 5.77 -8.95
CA TYR A 9 10.68 4.94 -7.75
C TYR A 9 11.81 5.54 -6.92
N SER A 10 11.62 5.52 -5.59
CA SER A 10 12.54 6.10 -4.62
C SER A 10 12.45 7.62 -4.52
N CYS A 11 11.53 8.24 -5.27
CA CYS A 11 11.38 9.70 -5.12
C CYS A 11 10.45 9.89 -3.96
N ASP A 12 10.60 11.01 -3.24
CA ASP A 12 9.67 11.36 -2.19
C ASP A 12 8.25 11.55 -2.75
N LEU A 13 7.27 10.96 -2.06
CA LEU A 13 5.88 10.98 -2.53
C LEU A 13 5.36 12.40 -2.82
N THR A 14 5.46 13.30 -1.86
CA THR A 14 4.97 14.68 -2.01
C THR A 14 5.69 15.35 -3.17
N THR A 15 7.00 15.14 -3.24
CA THR A 15 7.83 15.78 -4.26
C THR A 15 7.40 15.30 -5.65
N LEU A 16 7.14 14.01 -5.78
CA LEU A 16 6.75 13.44 -7.07
C LEU A 16 5.40 14.00 -7.55
N VAL A 17 4.42 14.08 -6.66
CA VAL A 17 3.05 14.49 -7.04
C VAL A 17 3.02 16.01 -7.34
N LYS A 18 3.89 16.76 -6.66
CA LYS A 18 4.05 18.20 -6.91
C LYS A 18 4.71 18.46 -8.27
N ALA A 19 5.68 17.60 -8.60
CA ALA A 19 6.39 17.69 -9.88
C ALA A 19 5.49 17.38 -11.06
N HIS A 20 4.44 16.60 -10.84
CA HIS A 20 3.55 16.15 -11.91
C HIS A 20 2.18 16.80 -11.83
N THR A 21 1.93 17.61 -10.79
CA THR A 21 0.61 18.20 -10.55
C THR A 21 -0.55 17.17 -10.63
N THR A 22 -0.32 15.96 -10.12
CA THR A 22 -1.36 14.95 -10.09
C THR A 22 -1.75 14.71 -8.63
N LYS A 23 -2.90 14.08 -8.38
CA LYS A 23 -3.33 13.84 -6.99
C LYS A 23 -2.47 12.76 -6.35
N ARG A 24 -2.04 11.79 -7.16
CA ARG A 24 -1.18 10.72 -6.67
C ARG A 24 -0.28 10.16 -7.79
N PRO A 25 0.76 9.38 -7.41
CA PRO A 25 1.78 9.00 -8.38
C PRO A 25 1.15 8.23 -9.53
N MET A 26 1.72 8.35 -10.74
CA MET A 26 1.21 7.59 -11.88
C MET A 26 1.32 6.09 -11.61
N VAL A 27 2.43 5.65 -11.02
CA VAL A 27 2.59 4.22 -10.63
C VAL A 27 1.35 3.69 -9.92
N VAL A 28 0.90 4.43 -8.92
CA VAL A 28 -0.22 3.99 -8.08
C VAL A 28 -1.48 3.85 -8.92
N ASP A 29 -1.85 4.91 -9.63
CA ASP A 29 -3.08 4.89 -10.44
C ASP A 29 -2.98 3.82 -11.53
N MET A 30 -1.87 3.79 -12.24
CA MET A 30 -1.72 2.83 -13.36
C MET A 30 -1.72 1.38 -12.92
N CYS A 31 -0.97 1.05 -11.86
CA CYS A 31 -0.98 -0.32 -11.35
C CYS A 31 -2.37 -0.76 -10.87
N ILE A 32 -2.99 0.08 -10.06
CA ILE A 32 -4.31 -0.25 -9.53
C ILE A 32 -5.31 -0.41 -10.67
N ARG A 33 -5.26 0.47 -11.67
CA ARG A 33 -6.15 0.29 -12.84
C ARG A 33 -5.95 -1.10 -13.50
N GLU A 34 -4.69 -1.47 -13.77
CA GLU A 34 -4.36 -2.76 -14.40
C GLU A 34 -4.89 -3.88 -13.54
N ILE A 35 -4.57 -3.79 -12.26
CA ILE A 35 -4.97 -4.80 -11.28
C ILE A 35 -6.50 -4.98 -11.23
N GLU A 36 -7.21 -3.87 -11.17
CA GLU A 36 -8.67 -3.94 -11.05
C GLU A 36 -9.35 -4.42 -12.33
N SER A 37 -8.73 -4.15 -13.48
CA SER A 37 -9.24 -4.64 -14.74
C SER A 37 -9.02 -6.15 -14.93
N ARG A 38 -7.93 -6.69 -14.39
CA ARG A 38 -7.65 -8.08 -14.74
C ARG A 38 -7.29 -9.04 -13.62
N GLY A 39 -7.35 -8.60 -12.37
CA GLY A 39 -6.87 -9.46 -11.31
C GLY A 39 -7.65 -9.62 -10.02
N LEU A 40 -8.83 -8.99 -9.89
CA LEU A 40 -9.55 -8.99 -8.60
C LEU A 40 -9.90 -10.43 -8.20
N ASN A 41 -9.98 -11.33 -9.17
CA ASN A 41 -10.37 -12.71 -8.83
C ASN A 41 -9.20 -13.69 -8.86
N SER A 42 -7.99 -13.17 -9.01
CA SER A 42 -6.77 -13.97 -9.11
C SER A 42 -6.33 -14.44 -7.74
N GLU A 43 -6.15 -15.76 -7.61
CA GLU A 43 -5.88 -16.37 -6.30
C GLU A 43 -4.62 -15.82 -5.65
N GLY A 44 -4.71 -15.36 -4.40
CA GLY A 44 -3.53 -14.96 -3.64
C GLY A 44 -3.00 -13.63 -4.13
N LEU A 45 -3.89 -12.82 -4.73
CA LEU A 45 -3.51 -11.49 -5.17
C LEU A 45 -2.82 -10.67 -4.03
N TYR A 46 -1.62 -10.13 -4.32
CA TYR A 46 -0.68 -9.43 -3.43
C TYR A 46 0.26 -10.30 -2.57
N ARG A 47 -0.16 -11.52 -2.28
CA ARG A 47 0.65 -12.50 -1.56
C ARG A 47 1.59 -13.23 -2.53
N VAL A 48 1.04 -13.66 -3.66
CA VAL A 48 1.81 -14.38 -4.66
C VAL A 48 2.79 -13.41 -5.28
N SER A 49 4.04 -13.83 -5.34
CA SER A 49 5.07 -13.03 -5.99
C SER A 49 5.08 -13.37 -7.49
N GLY A 50 5.14 -12.31 -8.30
CA GLY A 50 5.60 -12.46 -9.68
C GLY A 50 7.12 -12.54 -9.71
N PHE A 51 7.69 -12.81 -10.88
CA PHE A 51 9.14 -12.94 -10.99
C PHE A 51 9.79 -11.60 -10.66
N SER A 52 10.72 -11.63 -9.69
CA SER A 52 11.43 -10.43 -9.23
C SER A 52 11.99 -9.61 -10.41
N ASP A 53 12.56 -10.28 -11.44
CA ASP A 53 13.20 -9.51 -12.50
C ASP A 53 12.18 -8.76 -13.35
N LEU A 54 10.99 -9.36 -13.53
CA LEU A 54 9.96 -8.71 -14.32
C LEU A 54 9.40 -7.51 -13.58
N ILE A 55 9.35 -7.63 -12.26
CA ILE A 55 8.94 -6.50 -11.42
C ILE A 55 9.95 -5.35 -11.54
N GLU A 56 11.24 -5.69 -11.49
N GLU A 56 11.23 -5.69 -11.51
CA GLU A 56 12.31 -4.69 -11.67
CA GLU A 56 12.28 -4.67 -11.65
C GLU A 56 12.11 -4.00 -13.03
C GLU A 56 12.22 -4.02 -13.04
N ASP A 57 11.79 -4.79 -14.05
CA ASP A 57 11.57 -4.23 -15.37
C ASP A 57 10.44 -3.20 -15.41
N VAL A 58 9.35 -3.46 -14.67
CA VAL A 58 8.24 -2.50 -14.58
C VAL A 58 8.76 -1.20 -13.93
N LYS A 59 9.57 -1.35 -12.90
CA LYS A 59 10.17 -0.19 -12.23
C LYS A 59 10.95 0.59 -13.31
N MET A 60 11.78 -0.11 -14.07
CA MET A 60 12.65 0.56 -15.05
C MET A 60 11.80 1.32 -16.04
N ALA A 61 10.66 0.74 -16.39
CA ALA A 61 9.73 1.37 -17.35
C ALA A 61 9.08 2.64 -16.80
N PHE A 62 8.56 2.58 -15.59
CA PHE A 62 8.05 3.81 -14.97
C PHE A 62 9.15 4.83 -14.80
N ASP A 63 10.32 4.39 -14.31
CA ASP A 63 11.39 5.40 -14.17
C ASP A 63 11.68 6.08 -15.51
N ARG A 64 11.66 5.30 -16.60
CA ARG A 64 12.01 5.89 -17.90
C ARG A 64 10.88 6.72 -18.49
N ASP A 65 9.67 6.15 -18.47
CA ASP A 65 8.55 6.67 -19.27
C ASP A 65 7.40 7.34 -18.50
N GLY A 66 7.44 7.25 -17.17
CA GLY A 66 6.42 7.85 -16.34
C GLY A 66 5.04 7.36 -16.74
N GLU A 67 4.12 8.29 -16.99
CA GLU A 67 2.73 7.92 -17.30
C GLU A 67 2.61 7.23 -18.68
N LYS A 68 3.69 7.25 -19.45
CA LYS A 68 3.71 6.55 -20.74
C LYS A 68 4.14 5.08 -20.66
N ALA A 69 4.48 4.58 -19.46
CA ALA A 69 5.00 3.22 -19.31
C ALA A 69 3.96 2.21 -19.77
N ASP A 70 4.42 1.16 -20.42
CA ASP A 70 3.55 0.09 -20.89
C ASP A 70 3.51 -1.03 -19.85
N ILE A 71 2.38 -1.22 -19.19
CA ILE A 71 2.22 -2.30 -18.17
C ILE A 71 1.06 -3.23 -18.52
N SER A 72 0.73 -3.23 -19.82
CA SER A 72 -0.38 -4.00 -20.38
C SER A 72 -0.17 -5.50 -20.27
N VAL A 73 -1.27 -6.24 -20.43
CA VAL A 73 -1.21 -7.70 -20.46
C VAL A 73 -0.24 -8.19 -21.55
N ASN A 74 -0.12 -7.45 -22.64
CA ASN A 74 0.82 -7.83 -23.71
C ASN A 74 2.27 -7.83 -23.24
N MET A 75 2.64 -6.83 -22.46
CA MET A 75 4.00 -6.71 -21.99
C MET A 75 4.26 -7.58 -20.77
N TYR A 76 3.23 -7.76 -19.93
CA TYR A 76 3.40 -8.54 -18.71
C TYR A 76 2.14 -9.33 -18.43
N GLU A 77 2.09 -10.58 -18.89
CA GLU A 77 0.87 -11.37 -18.78
C GLU A 77 0.45 -11.61 -17.32
N ASP A 78 1.43 -11.94 -16.48
CA ASP A 78 1.14 -12.34 -15.09
C ASP A 78 0.79 -11.09 -14.26
N ILE A 79 -0.45 -11.04 -13.75
CA ILE A 79 -0.82 -9.87 -12.97
C ILE A 79 -0.02 -9.73 -11.66
N ASN A 80 0.54 -10.81 -11.16
CA ASN A 80 1.40 -10.70 -9.99
C ASN A 80 2.68 -9.89 -10.22
N ILE A 81 3.05 -9.67 -11.47
CA ILE A 81 4.12 -8.71 -11.75
C ILE A 81 3.70 -7.27 -11.39
N ILE A 82 2.43 -6.96 -11.64
CA ILE A 82 1.92 -5.62 -11.36
C ILE A 82 1.70 -5.37 -9.88
N THR A 83 1.07 -6.33 -9.19
CA THR A 83 0.99 -6.21 -7.72
C THR A 83 2.42 -6.10 -7.17
N GLY A 84 3.35 -6.92 -7.69
CA GLY A 84 4.77 -6.82 -7.28
C GLY A 84 5.32 -5.41 -7.50
N ALA A 85 5.08 -4.84 -8.67
CA ALA A 85 5.59 -3.46 -8.95
C ALA A 85 5.01 -2.41 -8.02
N LEU A 86 3.76 -2.61 -7.62
CA LEU A 86 3.09 -1.59 -6.81
C LEU A 86 3.62 -1.66 -5.37
N LYS A 87 3.82 -2.86 -4.89
CA LYS A 87 4.35 -3.06 -3.54
C LYS A 87 5.77 -2.51 -3.47
N LEU A 88 6.57 -2.81 -4.50
CA LEU A 88 7.95 -2.29 -4.59
C LEU A 88 7.96 -0.77 -4.57
N TYR A 89 7.01 -0.16 -5.29
CA TYR A 89 6.86 1.29 -5.28
C TYR A 89 6.75 1.89 -3.88
N PHE A 90 5.86 1.34 -3.05
CA PHE A 90 5.74 1.80 -1.67
C PHE A 90 7.00 1.44 -0.89
N ARG A 91 7.57 0.25 -1.15
CA ARG A 91 8.81 -0.15 -0.45
C ARG A 91 9.95 0.88 -0.73
N ASP A 92 9.95 1.43 -1.95
CA ASP A 92 11.05 2.31 -2.35
C ASP A 92 10.90 3.74 -1.84
N LEU A 93 9.75 4.08 -1.27
CA LEU A 93 9.55 5.46 -0.78
C LEU A 93 10.56 5.81 0.32
N PRO A 94 11.22 6.97 0.20
CA PRO A 94 12.18 7.40 1.25
C PRO A 94 11.47 7.68 2.57
N ILE A 95 10.27 8.25 2.47
CA ILE A 95 9.43 8.39 3.64
C ILE A 95 8.22 7.51 3.36
N PRO A 96 7.94 6.53 4.26
CA PRO A 96 6.95 5.53 3.89
C PRO A 96 5.53 6.12 3.87
N LEU A 97 4.62 5.41 3.23
CA LEU A 97 3.28 5.92 2.98
C LEU A 97 2.65 6.43 4.29
N ILE A 98 2.79 5.61 5.33
CA ILE A 98 2.51 6.05 6.72
C ILE A 98 3.83 6.52 7.26
N THR A 99 3.94 7.83 7.39
CA THR A 99 5.24 8.50 7.61
C THR A 99 5.86 8.21 8.97
N TYR A 100 7.15 8.49 9.10
CA TYR A 100 7.85 8.29 10.38
C TYR A 100 7.17 9.16 11.45
N ASP A 101 6.71 10.33 11.03
CA ASP A 101 6.13 11.27 11.99
C ASP A 101 4.78 10.78 12.52
N ALA A 102 3.96 10.28 11.63
CA ALA A 102 2.58 9.89 11.94
C ALA A 102 2.52 8.52 12.53
N TYR A 103 3.50 7.67 12.17
CA TYR A 103 3.55 6.28 12.65
C TYR A 103 3.12 6.03 14.13
N PRO A 104 3.70 6.76 15.10
CA PRO A 104 3.38 6.51 16.50
C PRO A 104 1.86 6.57 16.79
N LYS A 105 1.14 7.48 16.12
CA LYS A 105 -0.31 7.63 16.34
C LYS A 105 -1.06 6.42 15.75
N PHE A 106 -0.53 5.83 14.67
CA PHE A 106 -1.14 4.58 14.17
C PHE A 106 -0.93 3.43 15.14
N ILE A 107 0.28 3.34 15.70
CA ILE A 107 0.57 2.27 16.67
C ILE A 107 -0.26 2.47 17.94
N GLU A 108 -0.40 3.73 18.38
CA GLU A 108 -1.29 4.07 19.48
C GLU A 108 -2.68 3.50 19.25
N SER A 109 -3.17 3.65 18.02
CA SER A 109 -4.50 3.14 17.70
C SER A 109 -4.54 1.63 17.77
N ALA A 110 -3.46 1.00 17.32
CA ALA A 110 -3.39 -0.48 17.29
C ALA A 110 -3.44 -1.07 18.68
N LYS A 111 -3.05 -0.30 19.68
CA LYS A 111 -2.96 -0.78 21.06
C LYS A 111 -4.27 -0.70 21.81
N ILE A 112 -5.20 0.12 21.31
CA ILE A 112 -6.50 0.34 21.94
C ILE A 112 -7.40 -0.89 21.81
N MET A 113 -8.03 -1.30 22.92
CA MET A 113 -8.88 -2.49 22.93
C MET A 113 -10.32 -2.20 22.50
N ASP A 114 -10.83 -1.04 22.87
CA ASP A 114 -12.21 -0.65 22.49
C ASP A 114 -12.24 -0.30 21.00
N PRO A 115 -13.07 -1.01 20.20
CA PRO A 115 -13.11 -0.78 18.74
C PRO A 115 -13.42 0.66 18.36
N ASP A 116 -14.35 1.28 19.07
CA ASP A 116 -14.80 2.63 18.69
C ASP A 116 -13.75 3.68 18.97
N GLU A 117 -13.12 3.59 20.16
CA GLU A 117 -12.04 4.52 20.48
C GLU A 117 -10.82 4.26 19.59
N GLN A 118 -10.59 3.00 19.25
CA GLN A 118 -9.53 2.62 18.30
C GLN A 118 -9.74 3.29 16.94
N LEU A 119 -10.97 3.22 16.41
CA LEU A 119 -11.30 3.86 15.14
C LEU A 119 -11.14 5.38 15.18
N GLU A 120 -11.59 5.98 16.28
CA GLU A 120 -11.36 7.38 16.51
C GLU A 120 -9.87 7.78 16.47
N THR A 121 -9.02 7.04 17.18
CA THR A 121 -7.59 7.35 17.17
C THR A 121 -6.99 7.13 15.76
N LEU A 122 -7.46 6.09 15.06
CA LEU A 122 -7.04 5.84 13.68
C LEU A 122 -7.38 7.02 12.79
N HIS A 123 -8.58 7.57 12.98
CA HIS A 123 -8.98 8.79 12.26
C HIS A 123 -8.00 9.95 12.50
N GLU A 124 -7.60 10.15 13.76
CA GLU A 124 -6.64 11.22 14.11
C GLU A 124 -5.24 10.98 13.51
N ALA A 125 -4.82 9.71 13.49
CA ALA A 125 -3.55 9.36 12.88
C ALA A 125 -3.59 9.73 11.40
N LEU A 126 -4.71 9.48 10.73
CA LEU A 126 -4.83 9.82 9.31
C LEU A 126 -4.63 11.32 9.05
N LYS A 127 -5.14 12.14 9.97
CA LYS A 127 -5.04 13.61 9.86
C LYS A 127 -3.59 14.09 9.97
N LEU A 128 -2.75 13.33 10.67
CA LEU A 128 -1.31 13.68 10.82
C LEU A 128 -0.48 13.45 9.56
N LEU A 129 -1.00 12.69 8.60
CA LEU A 129 -0.25 12.45 7.37
C LEU A 129 -0.29 13.67 6.50
N PRO A 130 0.81 13.94 5.78
CA PRO A 130 0.81 14.99 4.74
C PRO A 130 -0.28 14.67 3.71
N PRO A 131 -0.86 15.71 3.05
CA PRO A 131 -1.96 15.54 2.08
C PRO A 131 -1.72 14.47 1.03
N ALA A 132 -0.54 14.45 0.42
CA ALA A 132 -0.27 13.52 -0.66
C ALA A 132 -0.26 12.07 -0.13
N HIS A 133 0.31 11.87 1.07
CA HIS A 133 0.30 10.57 1.74
C HIS A 133 -1.13 10.16 2.06
N CYS A 134 -1.91 11.05 2.68
CA CYS A 134 -3.29 10.72 2.96
C CYS A 134 -4.07 10.31 1.72
N GLU A 135 -3.89 11.03 0.63
CA GLU A 135 -4.64 10.80 -0.60
C GLU A 135 -4.26 9.46 -1.23
N THR A 136 -2.97 9.18 -1.30
CA THR A 136 -2.54 7.88 -1.88
C THR A 136 -3.03 6.73 -1.00
N LEU A 137 -2.94 6.91 0.33
CA LEU A 137 -3.37 5.85 1.24
C LEU A 137 -4.89 5.57 1.06
N ARG A 138 -5.66 6.65 0.92
CA ARG A 138 -7.12 6.59 0.74
C ARG A 138 -7.43 5.73 -0.48
N TYR A 139 -6.76 6.05 -1.58
CA TYR A 139 -6.96 5.38 -2.86
C TYR A 139 -6.56 3.89 -2.81
N LEU A 140 -5.37 3.65 -2.29
CA LEU A 140 -4.93 2.29 -1.99
C LEU A 140 -5.94 1.48 -1.17
N MET A 141 -6.42 2.09 -0.09
CA MET A 141 -7.31 1.40 0.85
C MET A 141 -8.66 1.10 0.19
N ALA A 142 -9.18 2.03 -0.62
CA ALA A 142 -10.41 1.77 -1.41
C ALA A 142 -10.19 0.52 -2.28
N HIS A 143 -9.04 0.49 -2.96
CA HIS A 143 -8.68 -0.63 -3.84
C HIS A 143 -8.54 -1.95 -3.05
N LEU A 144 -7.85 -1.89 -1.92
CA LEU A 144 -7.66 -3.08 -1.10
C LEU A 144 -9.01 -3.63 -0.55
N LYS A 145 -9.90 -2.71 -0.19
CA LYS A 145 -11.25 -3.10 0.19
C LYS A 145 -11.90 -3.93 -0.93
N ARG A 146 -11.83 -3.43 -2.17
CA ARG A 146 -12.38 -4.19 -3.32
C ARG A 146 -11.75 -5.57 -3.46
N VAL A 147 -10.46 -5.63 -3.31
CA VAL A 147 -9.73 -6.94 -3.31
C VAL A 147 -10.38 -7.88 -2.28
N THR A 148 -10.55 -7.42 -1.04
CA THR A 148 -11.13 -8.30 -0.01
C THR A 148 -12.60 -8.70 -0.32
N LEU A 149 -13.35 -7.89 -1.10
CA LEU A 149 -14.76 -8.21 -1.42
C LEU A 149 -14.81 -9.37 -2.40
N HIS A 150 -13.65 -9.64 -3.00
CA HIS A 150 -13.50 -10.72 -3.97
C HIS A 150 -12.85 -11.97 -3.34
N GLU A 151 -12.84 -12.03 -2.00
CA GLU A 151 -12.18 -13.13 -1.27
C GLU A 151 -12.65 -14.54 -1.68
N LYS A 152 -13.92 -14.67 -2.04
CA LYS A 152 -14.43 -16.01 -2.39
C LYS A 152 -13.59 -16.59 -3.51
N GLU A 153 -13.11 -15.70 -4.38
CA GLU A 153 -12.33 -16.05 -5.54
C GLU A 153 -10.81 -15.93 -5.26
N ASN A 154 -10.36 -14.80 -4.68
CA ASN A 154 -8.92 -14.55 -4.53
C ASN A 154 -8.26 -15.01 -3.24
N LEU A 155 -9.11 -15.47 -2.30
CA LEU A 155 -8.64 -15.99 -1.00
C LEU A 155 -7.96 -14.94 -0.10
N MET A 156 -8.09 -13.67 -0.45
CA MET A 156 -7.45 -12.60 0.32
C MET A 156 -8.51 -11.87 1.14
N ASN A 157 -8.21 -11.63 2.41
CA ASN A 157 -9.08 -10.86 3.29
C ASN A 157 -8.20 -9.75 3.90
N ALA A 158 -8.81 -8.87 4.71
CA ALA A 158 -8.09 -7.75 5.30
C ALA A 158 -6.91 -8.26 6.12
N GLU A 159 -7.12 -9.36 6.84
CA GLU A 159 -6.02 -9.92 7.65
C GLU A 159 -4.80 -10.32 6.81
N ASN A 160 -5.07 -11.12 5.76
CA ASN A 160 -4.04 -11.59 4.79
C ASN A 160 -3.29 -10.42 4.14
N LEU A 161 -4.03 -9.41 3.72
CA LEU A 161 -3.42 -8.21 3.13
C LEU A 161 -2.60 -7.41 4.15
N GLY A 162 -3.05 -7.40 5.40
CA GLY A 162 -2.31 -6.76 6.49
C GLY A 162 -0.93 -7.42 6.64
N ILE A 163 -0.86 -8.73 6.47
CA ILE A 163 0.47 -9.41 6.49
C ILE A 163 1.45 -8.85 5.43
N VAL A 164 0.92 -8.66 4.22
CA VAL A 164 1.70 -8.22 3.10
C VAL A 164 2.06 -6.78 3.29
N PHE A 165 1.07 -5.95 3.65
CA PHE A 165 1.27 -4.49 3.57
C PHE A 165 1.85 -3.81 4.82
N GLY A 166 1.66 -4.47 5.95
CA GLY A 166 2.08 -3.95 7.26
C GLY A 166 3.55 -3.46 7.26
N PRO A 167 4.52 -4.31 6.84
CA PRO A 167 5.92 -3.89 6.87
C PRO A 167 6.36 -3.04 5.65
N THR A 168 5.45 -2.83 4.70
CA THR A 168 5.73 -2.06 3.46
C THR A 168 5.30 -0.61 3.64
N LEU A 169 4.13 -0.43 4.24
CA LEU A 169 3.57 0.95 4.41
C LEU A 169 4.12 1.66 5.64
N MET A 170 4.67 0.89 6.55
CA MET A 170 5.21 1.42 7.82
C MET A 170 6.56 0.80 8.13
N ARG A 171 7.38 1.54 8.89
CA ARG A 171 8.73 1.07 9.24
C ARG A 171 9.01 1.27 10.72
N SER A 172 9.32 0.19 11.43
CA SER A 172 9.57 0.28 12.85
C SER A 172 10.98 0.77 13.08
N PRO A 173 11.11 1.77 13.97
CA PRO A 173 12.45 2.28 14.36
C PRO A 173 13.01 1.54 15.55
N GLU A 174 12.27 0.57 16.05
CA GLU A 174 12.58 -0.04 17.31
C GLU A 174 13.68 -1.07 17.17
N LEU A 175 14.54 -1.13 18.16
CA LEU A 175 15.42 -2.29 18.27
C LEU A 175 15.30 -2.85 19.67
N ASP A 176 14.44 -3.86 19.78
CA ASP A 176 14.11 -4.57 21.03
C ASP A 176 13.18 -5.75 20.70
N ALA A 177 13.66 -6.97 20.95
CA ALA A 177 13.02 -8.20 20.45
C ALA A 177 11.51 -8.36 20.70
N MET A 178 11.02 -8.16 21.93
CA MET A 178 9.57 -8.34 22.14
C MET A 178 8.80 -7.22 21.46
N ALA A 179 9.31 -5.99 21.58
CA ALA A 179 8.68 -4.86 20.94
C ALA A 179 8.65 -4.99 19.41
N ALA A 180 9.71 -5.52 18.82
CA ALA A 180 9.79 -5.72 17.36
C ALA A 180 8.68 -6.63 16.86
N LEU A 181 8.51 -7.77 17.51
CA LEU A 181 7.48 -8.71 17.09
C LEU A 181 6.13 -8.02 17.30
N ASN A 182 6.01 -7.27 18.40
CA ASN A 182 4.78 -6.52 18.63
C ASN A 182 4.44 -5.53 17.53
N ASP A 183 5.43 -4.72 17.13
CA ASP A 183 5.23 -3.73 16.04
C ASP A 183 4.87 -4.39 14.73
N ILE A 184 5.40 -5.58 14.47
CA ILE A 184 5.03 -6.29 13.23
C ILE A 184 3.53 -6.59 13.30
N ARG A 185 3.07 -7.15 14.41
CA ARG A 185 1.64 -7.45 14.54
C ARG A 185 0.78 -6.19 14.53
N TYR A 186 1.21 -5.15 15.22
CA TYR A 186 0.46 -3.90 15.22
C TYR A 186 0.35 -3.29 13.80
N GLN A 187 1.44 -3.32 13.05
CA GLN A 187 1.39 -2.79 11.66
C GLN A 187 0.40 -3.58 10.81
N ARG A 188 0.40 -4.90 10.96
CA ARG A 188 -0.60 -5.67 10.24
C ARG A 188 -2.01 -5.27 10.66
N LEU A 189 -2.27 -5.09 11.97
CA LEU A 189 -3.59 -4.68 12.47
C LEU A 189 -4.01 -3.28 11.93
N VAL A 190 -3.07 -2.35 11.87
CA VAL A 190 -3.33 -1.01 11.31
C VAL A 190 -3.82 -1.20 9.87
N VAL A 191 -3.12 -2.03 9.10
CA VAL A 191 -3.55 -2.24 7.71
C VAL A 191 -4.94 -2.89 7.68
N GLU A 192 -5.14 -3.91 8.50
CA GLU A 192 -6.43 -4.59 8.51
C GLU A 192 -7.56 -3.59 8.83
N LEU A 193 -7.34 -2.73 9.82
CA LEU A 193 -8.39 -1.81 10.24
C LEU A 193 -8.70 -0.78 9.12
N LEU A 194 -7.64 -0.31 8.47
CA LEU A 194 -7.72 0.66 7.37
C LEU A 194 -8.52 0.09 6.19
N ILE A 195 -8.27 -1.17 5.82
CA ILE A 195 -9.02 -1.81 4.74
C ILE A 195 -10.47 -1.99 5.17
N LYS A 196 -10.70 -2.61 6.32
CA LYS A 196 -12.05 -2.89 6.76
C LYS A 196 -12.92 -1.62 6.83
N ASN A 197 -12.33 -0.51 7.26
CA ASN A 197 -13.10 0.68 7.69
C ASN A 197 -12.80 1.86 6.80
N GLU A 198 -12.31 1.56 5.61
CA GLU A 198 -11.91 2.58 4.68
C GLU A 198 -13.07 3.54 4.38
N ASP A 199 -14.25 2.96 4.27
CA ASP A 199 -15.48 3.68 3.97
C ASP A 199 -15.86 4.75 5.00
N ILE A 200 -15.49 4.54 6.27
CA ILE A 200 -15.83 5.48 7.35
C ILE A 200 -14.61 6.30 7.81
N LEU A 201 -13.41 5.85 7.45
CA LEU A 201 -12.18 6.56 7.80
C LEU A 201 -11.74 7.58 6.76
N PHE A 202 -12.24 7.44 5.54
CA PHE A 202 -11.89 8.36 4.47
C PHE A 202 -13.19 8.89 3.87
#